data_5UX2
#
_entry.id   5UX2
#
_cell.length_a   50.986
_cell.length_b   90.227
_cell.length_c   109.060
_cell.angle_alpha   90.00
_cell.angle_beta   90.00
_cell.angle_gamma   90.00
#
_symmetry.space_group_name_H-M   'P 21 21 21'
#
loop_
_entity.id
_entity.type
_entity.pdbx_description
1 polymer 'Aldehyde decarbonylase'
2 non-polymer 'FE (III) ION'
3 non-polymer 'PROPANOIC ACID'
4 water water
#
_entity_poly.entity_id   1
_entity_poly.type   'polypeptide(L)'
_entity_poly.pdbx_seq_one_letter_code
;MTQLDFASAAYREAYSRINGVVIVGEGLANRHFQMLARRIPADRDELQRLGRMEGDHASAFVGCGRNLGVVADLPLARRL
FQPLHDLFKRHDHDGNRAECLVIQGLIVECFAVAAYRHYLPVADAYARPITAAVMNDESEHLDYAETWLQRHFDQVKARV
SAVVVEALPLTLAMLQSLAADMRQIGMDPVETLASFSELFREALESVGFEAVEARRLLMRAAARMVGSHHHHHH
;
_entity_poly.pdbx_strand_id   A,B
#
loop_
_chem_comp.id
_chem_comp.type
_chem_comp.name
_chem_comp.formula
FE non-polymer 'FE (III) ION' 'Fe 3'
PPI non-polymer 'PROPANOIC ACID' 'C3 H6 O2'
#
# COMPACT_ATOMS: atom_id res chain seq x y z
N LEU A 4 -1.43 11.93 -17.75
CA LEU A 4 -2.49 10.94 -18.12
C LEU A 4 -3.81 11.22 -17.40
N ASP A 5 -4.88 11.17 -18.16
CA ASP A 5 -6.22 11.37 -17.66
C ASP A 5 -6.79 10.01 -17.18
N PHE A 6 -6.89 9.83 -15.87
CA PHE A 6 -7.40 8.59 -15.30
C PHE A 6 -8.89 8.33 -15.61
N ALA A 7 -9.61 9.37 -16.05
CA ALA A 7 -11.02 9.25 -16.39
C ALA A 7 -11.23 8.96 -17.87
N SER A 8 -10.17 9.00 -18.68
CA SER A 8 -10.37 8.82 -20.11
C SER A 8 -10.75 7.39 -20.42
N ALA A 9 -11.45 7.23 -21.55
CA ALA A 9 -11.84 5.93 -22.05
C ALA A 9 -10.62 5.04 -22.28
N ALA A 10 -9.60 5.57 -22.97
CA ALA A 10 -8.43 4.77 -23.30
C ALA A 10 -7.70 4.25 -22.03
N TYR A 11 -7.61 5.09 -21.02
CA TYR A 11 -6.93 4.73 -19.77
C TYR A 11 -7.70 3.68 -19.00
N ARG A 12 -8.99 3.94 -18.78
CA ARG A 12 -9.84 3.03 -18.02
C ARG A 12 -10.01 1.66 -18.71
N GLU A 13 -10.10 1.62 -20.03
CA GLU A 13 -10.15 0.32 -20.74
C GLU A 13 -8.86 -0.46 -20.60
N ALA A 14 -7.72 0.21 -20.77
CA ALA A 14 -6.42 -0.45 -20.69
C ALA A 14 -6.19 -0.86 -19.22
N TYR A 15 -6.53 0.04 -18.29
CA TYR A 15 -6.45 -0.24 -16.85
C TYR A 15 -7.23 -1.47 -16.42
N SER A 16 -8.45 -1.66 -16.94
CA SER A 16 -9.25 -2.83 -16.60
C SER A 16 -8.51 -4.10 -16.91
N ARG A 17 -7.78 -4.08 -18.03
CA ARG A 17 -7.09 -5.26 -18.47
C ARG A 17 -5.76 -5.46 -17.70
N ILE A 18 -5.00 -4.41 -17.46
CA ILE A 18 -3.72 -4.56 -16.70
C ILE A 18 -4.02 -4.93 -15.24
N ASN A 19 -5.00 -4.26 -14.65
CA ASN A 19 -5.43 -4.56 -13.30
C ASN A 19 -5.94 -6.01 -13.21
N GLY A 20 -6.65 -6.44 -14.24
CA GLY A 20 -7.11 -7.83 -14.34
C GLY A 20 -5.99 -8.84 -14.29
N VAL A 21 -4.93 -8.58 -15.05
CA VAL A 21 -3.76 -9.44 -15.08
C VAL A 21 -3.04 -9.48 -13.74
N VAL A 22 -2.89 -8.31 -13.13
CA VAL A 22 -2.31 -8.20 -11.80
C VAL A 22 -3.10 -9.00 -10.77
N ILE A 23 -4.42 -8.82 -10.75
CA ILE A 23 -5.28 -9.50 -9.79
C ILE A 23 -5.23 -11.02 -9.94
N VAL A 24 -5.36 -11.50 -11.16
CA VAL A 24 -5.27 -12.91 -11.42
C VAL A 24 -3.84 -13.43 -11.10
N GLY A 25 -2.82 -12.67 -11.52
CA GLY A 25 -1.44 -13.11 -11.32
C GLY A 25 -1.09 -13.29 -9.85
N GLU A 26 -1.55 -12.35 -9.02
CA GLU A 26 -1.32 -12.41 -7.58
C GLU A 26 -2.07 -13.62 -7.01
N GLY A 27 -3.31 -13.81 -7.48
CA GLY A 27 -4.14 -15.00 -7.22
C GLY A 27 -3.44 -16.32 -7.49
N LEU A 28 -2.88 -16.41 -8.69
CA LEU A 28 -2.13 -17.57 -9.11
C LEU A 28 -0.83 -17.73 -8.32
N ALA A 29 -0.19 -16.62 -7.93
CA ALA A 29 1.02 -16.71 -7.12
C ALA A 29 0.72 -17.36 -5.76
N ASN A 30 -0.45 -17.03 -5.21
CA ASN A 30 -0.97 -17.63 -3.98
C ASN A 30 -1.10 -19.13 -4.15
N ARG A 31 -1.82 -19.51 -5.21
CA ARG A 31 -2.01 -20.90 -5.56
C ARG A 31 -0.69 -21.65 -5.75
N HIS A 32 0.21 -21.07 -6.56
CA HIS A 32 1.58 -21.59 -6.68
C HIS A 32 2.35 -21.83 -5.35
N PHE A 33 2.35 -20.86 -4.44
CA PHE A 33 3.08 -21.06 -3.18
C PHE A 33 2.50 -22.18 -2.28
N GLN A 34 1.18 -22.35 -2.34
CA GLN A 34 0.45 -23.40 -1.65
C GLN A 34 0.75 -24.79 -2.23
N MET A 35 0.83 -24.87 -3.54
CA MET A 35 1.29 -26.06 -4.21
C MET A 35 2.73 -26.39 -3.87
N LEU A 36 3.58 -25.36 -3.73
CA LEU A 36 4.98 -25.56 -3.36
C LEU A 36 5.11 -25.99 -1.91
N ALA A 37 4.30 -25.38 -1.04
CA ALA A 37 4.26 -25.71 0.38
C ALA A 37 3.97 -27.19 0.63
N ARG A 38 3.05 -27.75 -0.17
CA ARG A 38 2.67 -29.16 -0.05
C ARG A 38 3.61 -30.10 -0.83
N ARG A 39 4.74 -29.56 -1.29
CA ARG A 39 5.86 -30.37 -1.84
C ARG A 39 7.26 -29.98 -1.35
N ILE A 40 7.34 -29.07 -0.38
CA ILE A 40 8.61 -28.76 0.28
C ILE A 40 8.27 -28.70 1.75
N PRO A 41 8.09 -29.88 2.37
CA PRO A 41 7.53 -29.97 3.72
C PRO A 41 8.38 -29.21 4.76
N ALA A 42 9.69 -29.23 4.55
CA ALA A 42 10.64 -28.49 5.37
C ALA A 42 10.29 -27.00 5.58
N ASP A 43 9.71 -26.34 4.56
CA ASP A 43 9.40 -24.90 4.60
C ASP A 43 7.91 -24.62 4.39
N ARG A 44 7.08 -25.57 4.80
CA ARG A 44 5.65 -25.50 4.56
C ARG A 44 4.99 -24.23 5.13
N ASP A 45 5.43 -23.86 6.33
CA ASP A 45 4.87 -22.72 7.07
C ASP A 45 5.20 -21.45 6.32
N GLU A 46 6.48 -21.33 5.96
CA GLU A 46 7.04 -20.18 5.26
C GLU A 46 6.33 -19.97 3.92
N LEU A 47 6.25 -21.03 3.12
CA LEU A 47 5.63 -20.98 1.79
C LEU A 47 4.15 -20.60 1.89
N GLN A 48 3.47 -21.13 2.89
CA GLN A 48 2.09 -20.77 3.12
C GLN A 48 1.91 -19.30 3.50
N ARG A 49 2.84 -18.73 4.26
CA ARG A 49 2.82 -17.30 4.57
C ARG A 49 3.03 -16.48 3.29
N LEU A 50 4.00 -16.87 2.47
CA LEU A 50 4.24 -16.21 1.16
C LEU A 50 3.00 -16.22 0.29
N GLY A 51 2.35 -17.37 0.21
CA GLY A 51 1.05 -17.47 -0.47
C GLY A 51 0.02 -16.49 0.07
N ARG A 52 -0.09 -16.39 1.41
CA ARG A 52 -1.04 -15.46 2.02
C ARG A 52 -0.70 -14.00 1.73
N MET A 53 0.60 -13.70 1.64
CA MET A 53 1.11 -12.42 1.14
C MET A 53 0.51 -12.10 -0.25
N GLU A 54 0.52 -13.09 -1.14
CA GLU A 54 -0.06 -12.93 -2.49
C GLU A 54 -1.57 -12.62 -2.43
N GLY A 55 -2.27 -13.28 -1.53
CA GLY A 55 -3.68 -13.00 -1.28
C GLY A 55 -3.92 -11.53 -0.97
N ASP A 56 -3.10 -11.01 -0.06
CA ASP A 56 -3.09 -9.60 0.31
C ASP A 56 -2.71 -8.64 -0.83
N HIS A 57 -1.67 -8.98 -1.58
CA HIS A 57 -1.41 -8.26 -2.83
C HIS A 57 -2.66 -8.23 -3.76
N ALA A 58 -3.31 -9.37 -3.98
CA ALA A 58 -4.49 -9.38 -4.86
C ALA A 58 -5.61 -8.43 -4.41
N SER A 59 -5.96 -8.47 -3.13
CA SER A 59 -7.05 -7.63 -2.63
C SER A 59 -6.60 -6.16 -2.61
N ALA A 60 -5.31 -5.89 -2.39
CA ALA A 60 -4.84 -4.50 -2.52
C ALA A 60 -5.10 -3.95 -3.95
N PHE A 61 -4.90 -4.78 -4.96
CA PHE A 61 -4.98 -4.28 -6.34
C PHE A 61 -6.41 -4.28 -6.80
N VAL A 62 -7.22 -5.15 -6.21
CA VAL A 62 -8.68 -5.09 -6.35
C VAL A 62 -9.17 -3.70 -5.90
N GLY A 63 -8.66 -3.22 -4.78
CA GLY A 63 -8.99 -1.91 -4.26
C GLY A 63 -8.52 -0.74 -5.14
N CYS A 64 -7.33 -0.85 -5.73
CA CYS A 64 -6.84 0.15 -6.65
C CYS A 64 -7.82 0.38 -7.82
N GLY A 65 -8.32 -0.72 -8.40
CA GLY A 65 -9.30 -0.64 -9.52
C GLY A 65 -10.66 -0.12 -9.03
N ARG A 66 -11.09 -0.53 -7.84
CA ARG A 66 -12.31 0.05 -7.23
C ARG A 66 -12.18 1.54 -6.91
N ASN A 67 -11.01 1.98 -6.46
CA ASN A 67 -10.73 3.43 -6.36
C ASN A 67 -10.90 4.20 -7.67
N LEU A 68 -10.51 3.57 -8.77
CA LEU A 68 -10.67 4.18 -10.07
C LEU A 68 -12.09 3.97 -10.60
N GLY A 69 -12.85 3.09 -9.97
CA GLY A 69 -14.18 2.75 -10.46
C GLY A 69 -14.10 2.03 -11.78
N VAL A 70 -13.08 1.18 -11.95
CA VAL A 70 -12.97 0.34 -13.15
C VAL A 70 -13.17 -1.08 -12.74
N VAL A 71 -13.93 -1.83 -13.51
CA VAL A 71 -14.11 -3.24 -13.26
C VAL A 71 -12.95 -3.92 -13.99
N ALA A 72 -12.24 -4.80 -13.28
CA ALA A 72 -11.11 -5.49 -13.89
C ALA A 72 -11.60 -6.61 -14.82
N ASP A 73 -10.93 -6.78 -15.96
CA ASP A 73 -11.27 -7.83 -16.94
C ASP A 73 -10.58 -9.15 -16.55
N LEU A 74 -11.18 -9.84 -15.58
CA LEU A 74 -10.63 -11.08 -15.04
C LEU A 74 -10.66 -12.26 -16.00
N PRO A 75 -11.74 -12.43 -16.80
CA PRO A 75 -11.74 -13.44 -17.88
C PRO A 75 -10.57 -13.34 -18.83
N LEU A 76 -10.30 -12.15 -19.33
CA LEU A 76 -9.17 -12.00 -20.23
C LEU A 76 -7.87 -12.41 -19.55
N ALA A 77 -7.66 -11.92 -18.32
CA ALA A 77 -6.48 -12.30 -17.53
C ALA A 77 -6.35 -13.80 -17.32
N ARG A 78 -7.45 -14.45 -16.99
CA ARG A 78 -7.44 -15.91 -16.86
C ARG A 78 -7.02 -16.56 -18.16
N ARG A 79 -7.37 -15.93 -19.28
CA ARG A 79 -7.03 -16.49 -20.58
C ARG A 79 -5.54 -16.35 -20.89
N LEU A 80 -4.99 -15.17 -20.65
CA LEU A 80 -3.57 -14.92 -20.93
C LEU A 80 -2.65 -15.71 -20.02
N PHE A 81 -3.11 -16.02 -18.81
CA PHE A 81 -2.29 -16.76 -17.85
C PHE A 81 -2.31 -18.30 -17.99
N GLN A 82 -3.14 -18.83 -18.89
CA GLN A 82 -3.40 -20.27 -18.91
C GLN A 82 -2.21 -21.11 -19.33
N PRO A 83 -1.47 -20.70 -20.37
CA PRO A 83 -0.23 -21.43 -20.73
C PRO A 83 0.81 -21.52 -19.63
N LEU A 84 1.08 -20.40 -18.96
CA LEU A 84 2.06 -20.39 -17.89
C LEU A 84 1.58 -21.22 -16.69
N HIS A 85 0.29 -21.13 -16.36
CA HIS A 85 -0.23 -21.85 -15.19
C HIS A 85 -0.24 -23.37 -15.42
N ASP A 86 -0.58 -23.79 -16.65
CA ASP A 86 -0.51 -25.20 -17.09
C ASP A 86 0.87 -25.77 -16.99
N LEU A 87 1.84 -25.03 -17.49
CA LEU A 87 3.23 -25.41 -17.38
C LEU A 87 3.62 -25.64 -15.93
N PHE A 88 3.11 -24.79 -15.04
CA PHE A 88 3.37 -24.94 -13.63
C PHE A 88 2.65 -26.19 -13.08
N LYS A 89 1.39 -26.36 -13.47
CA LYS A 89 0.59 -27.53 -13.06
C LYS A 89 1.17 -28.86 -13.52
N ARG A 90 1.79 -28.87 -14.71
CA ARG A 90 2.49 -30.05 -15.22
C ARG A 90 3.76 -30.39 -14.43
N HIS A 91 4.53 -29.39 -14.06
CA HIS A 91 5.69 -29.65 -13.22
C HIS A 91 5.26 -30.06 -11.83
N ASP A 92 4.20 -29.44 -11.29
CA ASP A 92 3.76 -29.83 -9.97
C ASP A 92 3.37 -31.31 -9.95
N HIS A 93 2.65 -31.71 -10.99
CA HIS A 93 2.15 -33.08 -11.12
C HIS A 93 3.24 -34.14 -11.16
N ASP A 94 4.45 -33.79 -11.60
CA ASP A 94 5.57 -34.71 -11.63
C ASP A 94 6.53 -34.53 -10.45
N GLY A 95 6.07 -33.86 -9.40
CA GLY A 95 6.93 -33.55 -8.27
C GLY A 95 8.12 -32.68 -8.61
N ASN A 96 8.04 -31.91 -9.70
CA ASN A 96 9.15 -31.03 -10.11
C ASN A 96 9.17 -29.69 -9.37
N ARG A 97 9.48 -29.78 -8.09
CA ARG A 97 9.51 -28.61 -7.23
C ARG A 97 10.55 -27.57 -7.64
N ALA A 98 11.65 -28.01 -8.24
CA ALA A 98 12.69 -27.09 -8.70
C ALA A 98 12.16 -26.16 -9.79
N GLU A 99 11.56 -26.77 -10.81
CA GLU A 99 10.99 -26.03 -11.94
C GLU A 99 9.78 -25.17 -11.55
N CYS A 100 9.01 -25.63 -10.59
CA CYS A 100 7.93 -24.81 -10.04
C CYS A 100 8.47 -23.56 -9.34
N LEU A 101 9.58 -23.73 -8.62
CA LEU A 101 10.26 -22.61 -7.97
C LEU A 101 10.88 -21.60 -8.95
N VAL A 102 11.38 -22.06 -10.09
CA VAL A 102 11.92 -21.14 -11.07
C VAL A 102 10.78 -20.33 -11.71
N ILE A 103 9.67 -21.01 -12.01
CA ILE A 103 8.54 -20.35 -12.65
C ILE A 103 7.97 -19.26 -11.73
N GLN A 104 7.51 -19.62 -10.56
CA GLN A 104 6.88 -18.64 -9.69
C GLN A 104 7.90 -17.74 -9.06
N GLY A 105 8.94 -18.36 -8.50
CA GLY A 105 9.85 -17.69 -7.59
C GLY A 105 10.84 -16.73 -8.24
N LEU A 106 11.23 -17.02 -9.48
CA LEU A 106 12.16 -16.18 -10.22
C LEU A 106 11.50 -15.48 -11.39
N ILE A 107 10.88 -16.22 -12.29
CA ILE A 107 10.31 -15.59 -13.48
C ILE A 107 9.12 -14.67 -13.14
N VAL A 108 8.07 -15.21 -12.52
CA VAL A 108 6.89 -14.42 -12.19
C VAL A 108 7.26 -13.29 -11.23
N GLU A 109 8.01 -13.58 -10.17
CA GLU A 109 8.40 -12.53 -9.24
C GLU A 109 9.15 -11.39 -9.93
N CYS A 110 10.08 -11.70 -10.83
CA CYS A 110 10.83 -10.65 -11.50
C CYS A 110 9.94 -9.84 -12.47
N PHE A 111 9.01 -10.51 -13.14
CA PHE A 111 8.02 -9.77 -13.95
C PHE A 111 7.16 -8.82 -13.11
N ALA A 112 6.73 -9.28 -11.93
CA ALA A 112 5.96 -8.43 -11.05
C ALA A 112 6.76 -7.22 -10.66
N VAL A 113 8.04 -7.40 -10.34
CA VAL A 113 8.87 -6.30 -9.88
C VAL A 113 9.10 -5.30 -11.01
N ALA A 114 9.37 -5.80 -12.21
CA ALA A 114 9.58 -4.96 -13.38
C ALA A 114 8.31 -4.13 -13.67
N ALA A 115 7.18 -4.81 -13.76
CA ALA A 115 5.89 -4.13 -13.95
C ALA A 115 5.62 -3.05 -12.89
N TYR A 116 5.81 -3.38 -11.62
CA TYR A 116 5.43 -2.43 -10.57
C TYR A 116 6.41 -1.24 -10.56
N ARG A 117 7.69 -1.50 -10.81
CA ARG A 117 8.69 -0.44 -11.02
C ARG A 117 8.29 0.59 -12.06
N HIS A 118 7.77 0.10 -13.17
CA HIS A 118 7.30 1.02 -14.25
C HIS A 118 5.92 1.58 -14.05
N TYR A 119 5.07 0.91 -13.28
CA TYR A 119 3.75 1.49 -12.94
C TYR A 119 3.87 2.62 -11.90
N LEU A 120 4.74 2.42 -10.92
CA LEU A 120 4.88 3.35 -9.80
C LEU A 120 4.90 4.83 -10.17
N PRO A 121 5.81 5.27 -11.07
CA PRO A 121 5.84 6.69 -11.37
C PRO A 121 4.65 7.25 -12.17
N VAL A 122 3.77 6.40 -12.72
CA VAL A 122 2.56 6.86 -13.40
C VAL A 122 1.25 6.49 -12.69
N ALA A 123 1.40 5.87 -11.51
CA ALA A 123 0.27 5.44 -10.72
C ALA A 123 -0.42 6.63 -10.08
N ASP A 124 -1.74 6.54 -9.97
CA ASP A 124 -2.53 7.50 -9.22
C ASP A 124 -2.16 7.47 -7.72
N ALA A 125 -2.54 8.53 -7.02
CA ALA A 125 -2.12 8.77 -5.64
C ALA A 125 -2.59 7.70 -4.64
N TYR A 126 -3.76 7.10 -4.86
CA TYR A 126 -4.20 5.93 -4.06
C TYR A 126 -3.32 4.72 -4.29
N ALA A 127 -3.05 4.43 -5.56
CA ALA A 127 -2.37 3.23 -5.97
C ALA A 127 -0.89 3.30 -5.68
N ARG A 128 -0.29 4.48 -5.69
CA ARG A 128 1.16 4.52 -5.55
C ARG A 128 1.74 3.92 -4.23
N PRO A 129 1.19 4.27 -3.06
CA PRO A 129 1.74 3.71 -1.81
C PRO A 129 1.65 2.22 -1.73
N ILE A 130 0.49 1.70 -2.12
CA ILE A 130 0.18 0.31 -2.13
C ILE A 130 1.16 -0.43 -3.00
N THR A 131 1.39 0.12 -4.20
CA THR A 131 2.27 -0.48 -5.16
C THR A 131 3.69 -0.58 -4.61
N ALA A 132 4.15 0.52 -3.99
CA ALA A 132 5.50 0.56 -3.44
C ALA A 132 5.64 -0.46 -2.30
N ALA A 133 4.61 -0.61 -1.48
CA ALA A 133 4.64 -1.62 -0.40
C ALA A 133 4.67 -3.04 -0.96
N VAL A 134 3.88 -3.31 -1.98
CA VAL A 134 3.88 -4.62 -2.64
C VAL A 134 5.30 -4.93 -3.18
N MET A 135 5.91 -3.94 -3.81
CA MET A 135 7.31 -4.08 -4.27
C MET A 135 8.29 -4.46 -3.16
N ASN A 136 8.10 -3.96 -1.96
CA ASN A 136 8.95 -4.34 -0.82
C ASN A 136 8.86 -5.79 -0.37
N ASP A 137 7.71 -6.40 -0.63
CA ASP A 137 7.39 -7.78 -0.25
C ASP A 137 8.07 -8.75 -1.21
N GLU A 138 8.19 -8.38 -2.49
CA GLU A 138 8.57 -9.38 -3.51
C GLU A 138 10.04 -9.85 -3.34
N SER A 139 10.93 -9.05 -2.74
CA SER A 139 12.31 -9.53 -2.46
C SER A 139 12.33 -10.78 -1.54
N GLU A 140 11.42 -10.81 -0.59
CA GLU A 140 11.27 -11.95 0.28
C GLU A 140 10.93 -13.17 -0.55
N HIS A 141 10.08 -12.99 -1.56
CA HIS A 141 9.71 -14.10 -2.42
C HIS A 141 10.90 -14.58 -3.27
N LEU A 142 11.60 -13.60 -3.87
CA LEU A 142 12.83 -13.87 -4.64
C LEU A 142 13.94 -14.57 -3.84
N ASP A 143 14.21 -14.08 -2.63
CA ASP A 143 15.23 -14.68 -1.76
C ASP A 143 14.92 -16.14 -1.45
N TYR A 144 13.67 -16.46 -1.11
CA TYR A 144 13.33 -17.86 -0.87
C TYR A 144 13.77 -18.74 -2.05
N ALA A 145 13.29 -18.39 -3.25
CA ALA A 145 13.56 -19.19 -4.43
C ALA A 145 15.05 -19.22 -4.74
N GLU A 146 15.72 -18.08 -4.58
CA GLU A 146 17.15 -18.02 -4.86
C GLU A 146 17.96 -18.89 -3.87
N THR A 147 17.65 -18.82 -2.59
CA THR A 147 18.32 -19.64 -1.56
C THR A 147 18.18 -21.12 -1.87
N TRP A 148 16.94 -21.54 -2.04
CA TRP A 148 16.66 -22.93 -2.26
C TRP A 148 17.42 -23.41 -3.48
N LEU A 149 17.27 -22.69 -4.58
CA LEU A 149 17.88 -23.11 -5.84
C LEU A 149 19.41 -23.07 -5.80
N GLN A 150 19.96 -22.12 -5.06
CA GLN A 150 21.39 -22.01 -4.86
C GLN A 150 21.91 -23.27 -4.15
N ARG A 151 21.26 -23.63 -3.05
CA ARG A 151 21.63 -24.82 -2.28
C ARG A 151 21.67 -26.09 -3.11
N HIS A 152 20.75 -26.18 -4.07
CA HIS A 152 20.63 -27.34 -4.90
C HIS A 152 21.23 -27.10 -6.28
N PHE A 153 21.97 -26.01 -6.47
CA PHE A 153 22.31 -25.57 -7.83
C PHE A 153 22.82 -26.74 -8.68
N ASP A 154 23.78 -27.49 -8.14
CA ASP A 154 24.39 -28.58 -8.89
C ASP A 154 23.41 -29.64 -9.43
N GLN A 155 22.48 -30.12 -8.61
CA GLN A 155 21.52 -31.13 -9.10
C GLN A 155 20.50 -30.56 -10.10
N VAL A 156 20.25 -29.26 -10.03
CA VAL A 156 19.13 -28.64 -10.76
C VAL A 156 19.51 -27.82 -12.01
N LYS A 157 20.75 -27.35 -12.08
CA LYS A 157 21.18 -26.43 -13.12
C LYS A 157 20.62 -26.70 -14.51
N ALA A 158 20.73 -27.94 -14.97
CA ALA A 158 20.24 -28.29 -16.30
C ALA A 158 18.72 -28.17 -16.38
N ARG A 159 18.04 -28.56 -15.30
CA ARG A 159 16.58 -28.51 -15.27
C ARG A 159 16.08 -27.05 -15.24
N VAL A 160 16.90 -26.17 -14.68
CA VAL A 160 16.57 -24.75 -14.54
C VAL A 160 16.67 -24.13 -15.92
N SER A 161 17.83 -24.29 -16.56
CA SER A 161 18.01 -23.82 -17.93
C SER A 161 16.88 -24.25 -18.85
N ALA A 162 16.49 -25.51 -18.74
CA ALA A 162 15.41 -26.04 -19.56
C ALA A 162 14.04 -25.43 -19.24
N VAL A 163 13.67 -25.32 -17.97
CA VAL A 163 12.34 -24.75 -17.64
C VAL A 163 12.28 -23.27 -18.06
N VAL A 164 13.40 -22.57 -17.89
CA VAL A 164 13.55 -21.18 -18.35
C VAL A 164 13.27 -21.05 -19.84
N VAL A 165 13.79 -21.99 -20.63
CA VAL A 165 13.61 -22.01 -22.08
C VAL A 165 12.15 -22.24 -22.43
N GLU A 166 11.50 -23.12 -21.68
CA GLU A 166 10.08 -23.40 -21.87
C GLU A 166 9.23 -22.19 -21.45
N ALA A 167 9.56 -21.59 -20.30
CA ALA A 167 8.66 -20.60 -19.62
C ALA A 167 8.75 -19.17 -20.18
N LEU A 168 9.99 -18.72 -20.44
CA LEU A 168 10.19 -17.36 -20.89
C LEU A 168 9.35 -16.96 -22.09
N PRO A 169 9.25 -17.82 -23.13
CA PRO A 169 8.34 -17.56 -24.28
C PRO A 169 6.87 -17.31 -23.95
N LEU A 170 6.37 -17.97 -22.90
CA LEU A 170 4.97 -17.83 -22.51
C LEU A 170 4.75 -16.43 -21.92
N THR A 171 5.71 -15.96 -21.14
CA THR A 171 5.60 -14.64 -20.52
C THR A 171 5.85 -13.52 -21.56
N LEU A 172 6.69 -13.79 -22.55
CA LEU A 172 6.85 -12.87 -23.66
C LEU A 172 5.56 -12.76 -24.48
N ALA A 173 4.83 -13.85 -24.67
CA ALA A 173 3.55 -13.77 -25.38
C ALA A 173 2.53 -12.93 -24.59
N MET A 174 2.56 -13.04 -23.26
CA MET A 174 1.66 -12.24 -22.44
C MET A 174 1.99 -10.76 -22.60
N LEU A 175 3.28 -10.46 -22.56
CA LEU A 175 3.73 -9.08 -22.67
C LEU A 175 3.31 -8.43 -24.02
N GLN A 176 3.56 -9.14 -25.12
CA GLN A 176 3.15 -8.66 -26.43
C GLN A 176 1.66 -8.35 -26.48
N SER A 177 0.84 -9.29 -26.00
CA SER A 177 -0.56 -9.06 -25.86
C SER A 177 -0.91 -7.79 -25.10
N LEU A 178 -0.15 -7.45 -24.07
CA LEU A 178 -0.52 -6.35 -23.18
C LEU A 178 0.19 -5.05 -23.51
N ALA A 179 1.11 -5.07 -24.47
CA ALA A 179 1.98 -3.90 -24.68
C ALA A 179 1.16 -2.65 -24.98
N ALA A 180 0.07 -2.79 -25.76
CA ALA A 180 -0.74 -1.62 -26.16
C ALA A 180 -1.43 -1.00 -24.95
N ASP A 181 -2.00 -1.85 -24.09
CA ASP A 181 -2.63 -1.38 -22.85
C ASP A 181 -1.65 -0.74 -21.87
N MET A 182 -0.46 -1.33 -21.73
CA MET A 182 0.59 -0.78 -20.88
C MET A 182 0.92 0.65 -21.31
N ARG A 183 1.12 0.88 -22.62
CA ARG A 183 1.33 2.24 -23.13
C ARG A 183 0.23 3.20 -22.75
N GLN A 184 -1.01 2.73 -22.80
CA GLN A 184 -2.16 3.61 -22.53
C GLN A 184 -2.26 3.95 -21.05
N ILE A 185 -1.62 3.15 -20.18
CA ILE A 185 -1.57 3.56 -18.78
C ILE A 185 -0.22 4.14 -18.36
N GLY A 186 0.64 4.44 -19.33
CA GLY A 186 1.92 5.13 -19.11
C GLY A 186 3.16 4.28 -18.84
N MET A 187 3.05 2.98 -19.06
CA MET A 187 4.19 2.12 -18.92
C MET A 187 4.81 1.87 -20.31
N ASP A 188 6.12 1.92 -20.39
CA ASP A 188 6.82 1.61 -21.64
C ASP A 188 7.06 0.12 -21.63
N PRO A 189 6.41 -0.67 -22.52
CA PRO A 189 6.60 -2.10 -22.44
C PRO A 189 8.01 -2.57 -22.81
N VAL A 190 8.69 -1.81 -23.69
CA VAL A 190 10.08 -2.05 -24.02
C VAL A 190 11.00 -1.93 -22.78
N GLU A 191 10.87 -0.81 -22.07
CA GLU A 191 11.68 -0.55 -20.87
C GLU A 191 11.30 -1.47 -19.74
N THR A 192 10.04 -1.88 -19.68
CA THR A 192 9.57 -2.84 -18.69
C THR A 192 10.23 -4.20 -18.93
N LEU A 193 10.25 -4.63 -20.18
CA LEU A 193 10.96 -5.85 -20.53
C LEU A 193 12.46 -5.78 -20.22
N ALA A 194 13.05 -4.62 -20.45
CA ALA A 194 14.47 -4.42 -20.17
C ALA A 194 14.76 -4.57 -18.68
N SER A 195 13.94 -3.94 -17.87
CA SER A 195 14.03 -4.08 -16.43
C SER A 195 13.87 -5.52 -16.00
N PHE A 196 12.91 -6.25 -16.60
CA PHE A 196 12.77 -7.67 -16.31
C PHE A 196 14.07 -8.44 -16.55
N SER A 197 14.72 -8.13 -17.68
CA SER A 197 15.93 -8.82 -18.11
C SER A 197 17.10 -8.65 -17.16
N GLU A 198 17.32 -7.41 -16.76
CA GLU A 198 18.27 -7.03 -15.72
C GLU A 198 17.98 -7.75 -14.37
N LEU A 199 16.73 -7.73 -13.92
CA LEU A 199 16.35 -8.40 -12.68
C LEU A 199 16.54 -9.90 -12.76
N PHE A 200 16.05 -10.50 -13.83
CA PHE A 200 16.08 -11.91 -13.98
C PHE A 200 17.52 -12.43 -14.16
N ARG A 201 18.38 -11.68 -14.85
CA ARG A 201 19.81 -12.02 -14.89
C ARG A 201 20.46 -11.96 -13.50
N GLU A 202 20.11 -10.94 -12.71
CA GLU A 202 20.60 -10.83 -11.32
C GLU A 202 20.21 -12.07 -10.50
N ALA A 203 19.00 -12.55 -10.73
CA ALA A 203 18.48 -13.71 -10.03
C ALA A 203 19.23 -14.98 -10.43
N LEU A 204 19.34 -15.23 -11.73
CA LEU A 204 20.11 -16.40 -12.23
C LEU A 204 21.57 -16.41 -11.71
N GLU A 205 22.21 -15.23 -11.74
CA GLU A 205 23.54 -15.01 -11.12
C GLU A 205 23.54 -15.50 -9.69
N SER A 206 22.57 -14.98 -8.95
CA SER A 206 22.38 -15.22 -7.53
C SER A 206 22.20 -16.71 -7.21
N VAL A 207 21.62 -17.46 -8.14
CA VAL A 207 21.52 -18.90 -8.00
C VAL A 207 22.89 -19.58 -8.18
N GLY A 208 23.65 -19.17 -9.20
CA GLY A 208 24.93 -19.81 -9.49
C GLY A 208 25.38 -19.72 -10.93
N PHE A 209 24.48 -19.34 -11.84
CA PHE A 209 24.85 -19.17 -13.24
C PHE A 209 25.94 -18.11 -13.40
N GLU A 210 26.87 -18.35 -14.32
CA GLU A 210 27.88 -17.38 -14.70
C GLU A 210 27.20 -16.22 -15.43
N ALA A 211 27.59 -14.99 -15.11
CA ALA A 211 27.03 -13.79 -15.76
C ALA A 211 26.89 -13.96 -17.27
N VAL A 212 27.89 -14.58 -17.89
CA VAL A 212 27.88 -14.86 -19.31
C VAL A 212 26.77 -15.85 -19.65
N GLU A 213 26.63 -16.88 -18.83
CA GLU A 213 25.57 -17.89 -19.03
C GLU A 213 24.16 -17.33 -18.81
N ALA A 214 24.04 -16.36 -17.91
CA ALA A 214 22.74 -15.77 -17.60
C ALA A 214 22.24 -15.09 -18.86
N ARG A 215 23.07 -14.22 -19.43
CA ARG A 215 22.77 -13.49 -20.66
C ARG A 215 22.45 -14.42 -21.82
N ARG A 216 23.17 -15.53 -21.91
CA ARG A 216 23.00 -16.45 -23.02
C ARG A 216 21.63 -17.11 -22.95
N LEU A 217 21.28 -17.55 -21.76
CA LEU A 217 20.02 -18.24 -21.52
C LEU A 217 18.82 -17.33 -21.83
N LEU A 218 18.97 -16.04 -21.52
CA LEU A 218 17.95 -15.03 -21.86
C LEU A 218 17.88 -14.82 -23.36
N MET A 219 19.02 -14.45 -23.96
CA MET A 219 19.06 -14.16 -25.39
C MET A 219 18.51 -15.34 -26.21
N ARG A 220 18.90 -16.56 -25.85
CA ARG A 220 18.28 -17.75 -26.43
C ARG A 220 16.78 -17.56 -26.46
N ALA A 221 16.20 -17.41 -25.27
CA ALA A 221 14.75 -17.29 -25.11
C ALA A 221 14.16 -16.10 -25.88
N ALA A 222 14.91 -15.01 -25.98
CA ALA A 222 14.49 -13.90 -26.83
C ALA A 222 14.33 -14.39 -28.27
N ALA A 223 15.41 -14.91 -28.84
CA ALA A 223 15.39 -15.52 -30.17
C ALA A 223 14.69 -16.89 -30.12
N LEU B 4 17.59 2.06 4.29
CA LEU B 4 17.02 2.24 5.66
C LEU B 4 17.48 1.14 6.62
N ASP B 5 18.05 1.56 7.74
CA ASP B 5 18.53 0.61 8.74
C ASP B 5 17.58 0.54 9.92
N PHE B 6 16.67 -0.43 9.92
CA PHE B 6 15.59 -0.49 10.94
C PHE B 6 16.17 -0.74 12.32
N ALA B 7 17.38 -1.33 12.35
CA ALA B 7 18.10 -1.67 13.59
C ALA B 7 18.94 -0.51 14.17
N SER B 8 19.21 0.51 13.35
CA SER B 8 20.03 1.65 13.79
C SER B 8 19.39 2.45 14.88
N ALA B 9 20.22 3.02 15.74
CA ALA B 9 19.74 3.83 16.83
C ALA B 9 19.05 5.10 16.34
N ALA B 10 19.47 5.57 15.18
CA ALA B 10 18.92 6.78 14.63
C ALA B 10 17.47 6.49 14.24
N TYR B 11 17.28 5.42 13.47
CA TYR B 11 15.97 5.02 13.07
C TYR B 11 15.08 4.76 14.28
N ARG B 12 15.59 4.02 15.26
CA ARG B 12 14.77 3.61 16.41
C ARG B 12 14.40 4.74 17.34
N GLU B 13 15.27 5.73 17.50
CA GLU B 13 14.88 6.92 18.29
C GLU B 13 13.79 7.74 17.56
N ALA B 14 13.89 7.84 16.25
CA ALA B 14 12.88 8.61 15.50
C ALA B 14 11.56 7.86 15.52
N TYR B 15 11.63 6.55 15.26
CA TYR B 15 10.46 5.66 15.35
C TYR B 15 9.74 5.78 16.69
N SER B 16 10.46 5.84 17.82
CA SER B 16 9.75 5.89 19.09
C SER B 16 8.85 7.12 19.15
N ARG B 17 9.32 8.22 18.56
CA ARG B 17 8.55 9.44 18.56
C ARG B 17 7.37 9.40 17.56
N ILE B 18 7.56 8.89 16.35
CA ILE B 18 6.45 8.80 15.38
C ILE B 18 5.43 7.76 15.82
N ASN B 19 5.92 6.62 16.29
CA ASN B 19 5.07 5.61 16.86
C ASN B 19 4.28 6.17 18.04
N GLY B 20 4.91 6.97 18.88
CA GLY B 20 4.22 7.59 19.96
C GLY B 20 3.10 8.50 19.48
N VAL B 21 3.39 9.32 18.47
CA VAL B 21 2.35 10.23 17.93
C VAL B 21 1.19 9.46 17.33
N VAL B 22 1.53 8.39 16.63
CA VAL B 22 0.51 7.51 16.01
C VAL B 22 -0.42 6.88 17.06
N ILE B 23 0.16 6.30 18.11
CA ILE B 23 -0.61 5.62 19.15
C ILE B 23 -1.48 6.61 19.93
N VAL B 24 -0.93 7.77 20.30
CA VAL B 24 -1.68 8.82 20.96
C VAL B 24 -2.75 9.41 20.04
N GLY B 25 -2.42 9.56 18.75
CA GLY B 25 -3.40 9.98 17.75
C GLY B 25 -4.62 9.08 17.66
N GLU B 26 -4.36 7.78 17.58
CA GLU B 26 -5.46 6.78 17.49
C GLU B 26 -6.33 6.72 18.77
N GLY B 27 -5.66 6.72 19.93
CA GLY B 27 -6.29 6.90 21.26
C GLY B 27 -7.17 8.14 21.37
N LEU B 28 -6.65 9.29 20.92
CA LEU B 28 -7.42 10.54 20.91
C LEU B 28 -8.54 10.45 19.93
N ALA B 29 -8.31 9.84 18.80
CA ALA B 29 -9.39 9.68 17.84
C ALA B 29 -10.51 8.89 18.48
N ASN B 30 -10.14 7.85 19.21
CA ASN B 30 -11.09 7.00 19.94
C ASN B 30 -11.91 7.84 20.94
N ARG B 31 -11.21 8.58 21.76
CA ARG B 31 -11.81 9.54 22.66
C ARG B 31 -12.71 10.55 21.98
N HIS B 32 -12.27 11.15 20.89
CA HIS B 32 -13.11 12.11 20.15
C HIS B 32 -14.42 11.49 19.67
N PHE B 33 -14.36 10.27 19.15
CA PHE B 33 -15.56 9.58 18.74
C PHE B 33 -16.47 9.22 19.92
N GLN B 34 -15.88 8.83 21.07
CA GLN B 34 -16.71 8.60 22.25
C GLN B 34 -17.47 9.86 22.61
N MET B 35 -16.78 11.01 22.60
CA MET B 35 -17.37 12.30 22.93
C MET B 35 -18.43 12.72 21.94
N LEU B 36 -18.18 12.48 20.65
CA LEU B 36 -19.17 12.74 19.63
C LEU B 36 -20.41 11.85 19.76
N ALA B 37 -20.23 10.58 20.18
CA ALA B 37 -21.34 9.66 20.32
C ALA B 37 -22.34 10.11 21.42
N ARG B 38 -21.85 10.84 22.42
CA ARG B 38 -22.69 11.33 23.52
C ARG B 38 -23.50 12.53 23.07
N ARG B 39 -22.92 13.32 22.17
CA ARG B 39 -23.48 14.55 21.63
C ARG B 39 -24.25 14.37 20.32
N ILE B 40 -24.21 13.17 19.74
CA ILE B 40 -25.03 12.83 18.58
C ILE B 40 -25.67 11.47 18.82
N PRO B 41 -26.62 11.39 19.78
CA PRO B 41 -27.26 10.13 20.19
C PRO B 41 -27.99 9.42 19.07
N ALA B 42 -28.44 10.22 18.10
CA ALA B 42 -29.03 9.71 16.89
C ALA B 42 -28.08 8.80 16.09
N ASP B 43 -26.77 9.10 16.15
CA ASP B 43 -25.71 8.29 15.49
C ASP B 43 -24.76 7.61 16.48
N ARG B 44 -25.27 7.30 17.67
CA ARG B 44 -24.48 6.74 18.76
C ARG B 44 -23.88 5.37 18.41
N ASP B 45 -24.67 4.50 17.82
CA ASP B 45 -24.20 3.21 17.34
C ASP B 45 -22.96 3.29 16.42
N GLU B 46 -23.05 4.17 15.42
CA GLU B 46 -22.03 4.27 14.39
C GLU B 46 -20.81 4.95 15.00
N LEU B 47 -21.00 5.96 15.82
CA LEU B 47 -19.85 6.65 16.42
C LEU B 47 -19.06 5.76 17.40
N GLN B 48 -19.78 4.84 18.05
CA GLN B 48 -19.17 3.91 18.98
C GLN B 48 -18.37 2.86 18.21
N ARG B 49 -18.90 2.40 17.08
CA ARG B 49 -18.18 1.51 16.19
C ARG B 49 -16.90 2.17 15.67
N LEU B 50 -16.99 3.41 15.24
CA LEU B 50 -15.80 4.13 14.76
C LEU B 50 -14.75 4.24 15.88
N GLY B 51 -15.20 4.51 17.10
CA GLY B 51 -14.29 4.58 18.25
C GLY B 51 -13.59 3.27 18.54
N ARG B 52 -14.35 2.19 18.44
CA ARG B 52 -13.83 0.83 18.54
C ARG B 52 -12.72 0.54 17.51
N MET B 53 -12.96 0.99 16.29
CA MET B 53 -11.97 0.84 15.23
C MET B 53 -10.67 1.55 15.60
N GLU B 54 -10.76 2.75 16.16
CA GLU B 54 -9.57 3.52 16.58
C GLU B 54 -8.82 2.77 17.70
N GLY B 55 -9.56 2.18 18.64
CA GLY B 55 -8.95 1.29 19.64
C GLY B 55 -8.12 0.17 18.99
N ASP B 56 -8.69 -0.47 17.97
CA ASP B 56 -7.97 -1.50 17.24
C ASP B 56 -6.75 -0.94 16.52
N HIS B 57 -6.87 0.25 15.92
CA HIS B 57 -5.73 0.90 15.31
C HIS B 57 -4.57 1.16 16.33
N ALA B 58 -4.91 1.73 17.49
CA ALA B 58 -3.93 2.02 18.52
C ALA B 58 -3.21 0.76 18.93
N SER B 59 -3.97 -0.26 19.18
CA SER B 59 -3.39 -1.51 19.59
C SER B 59 -2.56 -2.14 18.47
N ALA B 60 -2.96 -1.99 17.20
CA ALA B 60 -2.10 -2.52 16.13
C ALA B 60 -0.73 -1.82 16.08
N PHE B 61 -0.71 -0.53 16.29
CA PHE B 61 0.53 0.26 16.18
C PHE B 61 1.42 0.13 17.45
N VAL B 62 0.82 -0.13 18.60
CA VAL B 62 1.56 -0.59 19.78
C VAL B 62 2.39 -1.81 19.41
N GLY B 63 1.75 -2.77 18.73
CA GLY B 63 2.48 -3.93 18.24
C GLY B 63 3.65 -3.65 17.30
N CYS B 64 3.56 -2.59 16.47
CA CYS B 64 4.64 -2.26 15.51
C CYS B 64 5.90 -1.82 16.28
N GLY B 65 5.73 -0.96 17.28
CA GLY B 65 6.80 -0.52 18.14
C GLY B 65 7.39 -1.68 18.92
N ARG B 66 6.50 -2.55 19.38
CA ARG B 66 6.89 -3.76 20.12
C ARG B 66 7.75 -4.70 19.25
N ASN B 67 7.34 -4.90 18.00
CA ASN B 67 8.13 -5.64 17.04
C ASN B 67 9.55 -5.10 16.75
N LEU B 68 9.76 -3.78 16.77
CA LEU B 68 11.09 -3.18 16.55
C LEU B 68 11.88 -2.83 17.83
N GLY B 69 11.46 -3.32 18.98
CA GLY B 69 12.23 -3.08 20.20
C GLY B 69 12.18 -1.65 20.69
N VAL B 70 11.08 -0.96 20.39
CA VAL B 70 11.02 0.45 20.65
C VAL B 70 9.88 0.74 21.63
N VAL B 71 10.17 1.47 22.69
CA VAL B 71 9.13 1.97 23.57
C VAL B 71 8.70 3.32 22.98
N ALA B 72 7.42 3.41 22.62
CA ALA B 72 6.84 4.59 21.99
C ALA B 72 6.87 5.73 22.99
N ASP B 73 7.29 6.92 22.55
CA ASP B 73 7.35 8.10 23.42
C ASP B 73 6.01 8.84 23.55
N LEU B 74 5.15 8.28 24.39
CA LEU B 74 3.81 8.76 24.55
C LEU B 74 3.73 10.12 25.21
N PRO B 75 4.53 10.36 26.28
CA PRO B 75 4.52 11.70 26.88
C PRO B 75 4.78 12.83 25.90
N LEU B 76 5.84 12.71 25.11
CA LEU B 76 6.12 13.71 24.08
C LEU B 76 4.92 13.91 23.16
N ALA B 77 4.35 12.80 22.67
CA ALA B 77 3.19 12.81 21.75
C ALA B 77 2.04 13.54 22.39
N ARG B 78 1.87 13.29 23.69
CA ARG B 78 0.79 13.92 24.42
C ARG B 78 0.96 15.42 24.50
N ARG B 79 2.20 15.91 24.66
CA ARG B 79 2.49 17.34 24.63
C ARG B 79 2.17 17.91 23.26
N LEU B 80 2.66 17.24 22.24
CA LEU B 80 2.47 17.68 20.86
C LEU B 80 0.98 17.81 20.45
N PHE B 81 0.12 16.92 20.96
CA PHE B 81 -1.31 16.95 20.61
C PHE B 81 -2.15 17.86 21.50
N GLN B 82 -1.60 18.30 22.63
CA GLN B 82 -2.39 19.00 23.62
C GLN B 82 -3.11 20.20 23.02
N PRO B 83 -2.44 21.01 22.21
CA PRO B 83 -3.19 22.17 21.68
C PRO B 83 -4.43 21.78 20.86
N LEU B 84 -4.30 20.83 19.95
CA LEU B 84 -5.44 20.41 19.13
C LEU B 84 -6.50 19.70 19.98
N HIS B 85 -6.07 18.85 20.90
CA HIS B 85 -7.03 18.22 21.80
C HIS B 85 -7.76 19.26 22.69
N ASP B 86 -7.01 20.24 23.20
CA ASP B 86 -7.62 21.38 23.91
C ASP B 86 -8.65 22.12 23.05
N LEU B 87 -8.36 22.34 21.78
CA LEU B 87 -9.35 22.92 20.87
C LEU B 87 -10.61 22.05 20.80
N PHE B 88 -10.45 20.74 20.59
CA PHE B 88 -11.61 19.81 20.52
C PHE B 88 -12.46 19.86 21.80
N LYS B 89 -11.78 19.82 22.95
CA LYS B 89 -12.47 19.78 24.24
C LYS B 89 -13.29 21.03 24.49
N ARG B 90 -12.75 22.17 24.10
CA ARG B 90 -13.43 23.43 24.35
C ARG B 90 -14.61 23.58 23.46
N HIS B 91 -14.54 23.14 22.20
CA HIS B 91 -15.75 23.09 21.35
C HIS B 91 -16.74 22.06 21.85
N ASP B 92 -16.24 20.95 22.33
CA ASP B 92 -17.12 19.95 22.91
C ASP B 92 -17.83 20.48 24.17
N HIS B 93 -17.11 21.26 24.99
CA HIS B 93 -17.69 21.85 26.20
C HIS B 93 -18.86 22.76 25.84
N ASP B 94 -18.72 23.50 24.73
CA ASP B 94 -19.76 24.42 24.24
C ASP B 94 -20.81 23.80 23.35
N GLY B 95 -20.93 22.47 23.35
CA GLY B 95 -21.91 21.78 22.49
C GLY B 95 -21.66 21.86 20.99
N ASN B 96 -20.49 22.35 20.59
CA ASN B 96 -20.17 22.60 19.17
C ASN B 96 -19.75 21.34 18.47
N ARG B 97 -20.74 20.50 18.22
CA ARG B 97 -20.47 19.19 17.67
C ARG B 97 -19.96 19.33 16.24
N ALA B 98 -20.52 20.28 15.50
CA ALA B 98 -20.09 20.52 14.11
C ALA B 98 -18.57 20.64 14.06
N GLU B 99 -18.05 21.58 14.85
CA GLU B 99 -16.62 21.90 14.96
C GLU B 99 -15.76 20.71 15.37
N CYS B 100 -16.28 19.91 16.29
CA CYS B 100 -15.63 18.68 16.73
C CYS B 100 -15.52 17.65 15.61
N LEU B 101 -16.58 17.48 14.83
CA LEU B 101 -16.53 16.62 13.64
C LEU B 101 -15.50 17.11 12.63
N VAL B 102 -15.39 18.40 12.43
CA VAL B 102 -14.42 18.93 11.49
C VAL B 102 -12.99 18.61 11.97
N ILE B 103 -12.72 18.78 13.27
CA ILE B 103 -11.38 18.55 13.79
C ILE B 103 -10.97 17.08 13.65
N GLN B 104 -11.82 16.17 14.11
CA GLN B 104 -11.48 14.75 14.12
C GLN B 104 -11.79 14.15 12.76
N GLY B 105 -13.01 14.41 12.29
CA GLY B 105 -13.58 13.68 11.19
C GLY B 105 -13.02 14.01 9.86
N LEU B 106 -12.52 15.25 9.74
CA LEU B 106 -11.92 15.74 8.50
C LEU B 106 -10.40 15.99 8.62
N ILE B 107 -10.00 16.85 9.55
CA ILE B 107 -8.61 17.28 9.64
C ILE B 107 -7.71 16.12 10.09
N VAL B 108 -8.05 15.55 11.22
CA VAL B 108 -7.30 14.42 11.78
C VAL B 108 -7.39 13.20 10.87
N GLU B 109 -8.56 12.85 10.36
CA GLU B 109 -8.62 11.70 9.46
C GLU B 109 -7.77 11.89 8.21
N CYS B 110 -7.81 13.11 7.63
CA CYS B 110 -6.99 13.43 6.45
C CYS B 110 -5.49 13.41 6.73
N PHE B 111 -5.08 13.93 7.88
CA PHE B 111 -3.67 13.84 8.27
C PHE B 111 -3.23 12.40 8.47
N ALA B 112 -4.09 11.57 9.01
CA ALA B 112 -3.78 10.16 9.16
C ALA B 112 -3.57 9.48 7.83
N VAL B 113 -4.54 9.65 6.93
CA VAL B 113 -4.45 9.11 5.57
C VAL B 113 -3.12 9.56 4.93
N ALA B 114 -2.79 10.84 5.07
CA ALA B 114 -1.59 11.40 4.43
C ALA B 114 -0.29 10.80 5.07
N ALA B 115 -0.26 10.69 6.39
CA ALA B 115 0.86 10.09 7.11
C ALA B 115 0.97 8.63 6.67
N TYR B 116 -0.12 7.89 6.64
CA TYR B 116 0.01 6.47 6.36
C TYR B 116 0.36 6.16 4.90
N ARG B 117 -0.12 6.98 3.96
CA ARG B 117 0.34 6.93 2.57
C ARG B 117 1.81 7.13 2.39
N HIS B 118 2.42 7.95 3.23
CA HIS B 118 3.86 8.24 3.14
C HIS B 118 4.71 7.33 4.01
N TYR B 119 4.09 6.74 5.01
CA TYR B 119 4.77 5.69 5.80
C TYR B 119 4.76 4.31 5.13
N LEU B 120 3.64 3.94 4.51
CA LEU B 120 3.48 2.61 3.91
C LEU B 120 4.63 2.16 2.97
N PRO B 121 5.11 3.05 2.07
CA PRO B 121 6.25 2.63 1.21
C PRO B 121 7.61 2.45 1.91
N VAL B 122 7.76 2.89 3.15
CA VAL B 122 9.00 2.70 3.90
C VAL B 122 8.85 1.87 5.20
N ALA B 123 7.64 1.41 5.49
CA ALA B 123 7.39 0.58 6.64
C ALA B 123 8.13 -0.76 6.54
N ASP B 124 8.56 -1.26 7.69
CA ASP B 124 9.12 -2.61 7.77
C ASP B 124 8.06 -3.65 7.43
N ALA B 125 8.52 -4.88 7.17
CA ALA B 125 7.64 -5.98 6.76
C ALA B 125 6.55 -6.30 7.78
N TYR B 126 6.77 -6.00 9.07
CA TYR B 126 5.73 -6.25 10.07
C TYR B 126 4.66 -5.18 10.00
N ALA B 127 5.09 -3.94 10.07
CA ALA B 127 4.22 -2.77 10.04
C ALA B 127 3.44 -2.58 8.71
N ARG B 128 3.95 -3.12 7.63
CA ARG B 128 3.41 -2.91 6.30
C ARG B 128 1.96 -3.34 6.18
N PRO B 129 1.66 -4.63 6.40
CA PRO B 129 0.24 -5.01 6.24
C PRO B 129 -0.72 -4.37 7.26
N ILE B 130 -0.19 -4.04 8.44
CA ILE B 130 -0.96 -3.35 9.47
C ILE B 130 -1.31 -1.94 9.03
N THR B 131 -0.34 -1.23 8.46
CA THR B 131 -0.57 0.13 7.97
C THR B 131 -1.59 0.13 6.79
N ALA B 132 -1.46 -0.86 5.94
CA ALA B 132 -2.39 -1.03 4.82
C ALA B 132 -3.82 -1.25 5.32
N ALA B 133 -4.02 -2.17 6.27
CA ALA B 133 -5.35 -2.44 6.83
C ALA B 133 -5.96 -1.21 7.55
N VAL B 134 -5.14 -0.55 8.36
CA VAL B 134 -5.56 0.66 9.01
C VAL B 134 -6.00 1.71 7.98
N MET B 135 -5.22 1.87 6.92
CA MET B 135 -5.55 2.86 5.90
C MET B 135 -6.91 2.60 5.26
N ASN B 136 -7.27 1.35 5.04
CA ASN B 136 -8.53 1.01 4.39
C ASN B 136 -9.74 1.32 5.29
N ASP B 137 -9.52 1.54 6.59
CA ASP B 137 -10.59 1.91 7.49
C ASP B 137 -10.90 3.40 7.40
N GLU B 138 -9.92 4.23 7.06
CA GLU B 138 -10.08 5.67 7.27
C GLU B 138 -11.18 6.28 6.37
N SER B 139 -11.44 5.67 5.23
CA SER B 139 -12.56 6.12 4.38
C SER B 139 -13.93 6.06 5.10
N GLU B 140 -14.15 5.04 5.93
CA GLU B 140 -15.36 4.96 6.75
C GLU B 140 -15.50 6.10 7.77
N HIS B 141 -14.39 6.54 8.34
CA HIS B 141 -14.40 7.64 9.31
C HIS B 141 -14.67 8.96 8.61
N LEU B 142 -13.95 9.18 7.50
CA LEU B 142 -14.20 10.30 6.64
C LEU B 142 -15.66 10.33 6.13
N ASP B 143 -16.16 9.20 5.68
CA ASP B 143 -17.52 9.11 5.18
C ASP B 143 -18.56 9.58 6.21
N TYR B 144 -18.46 9.10 7.45
CA TYR B 144 -19.34 9.60 8.51
C TYR B 144 -19.26 11.10 8.64
N ALA B 145 -18.06 11.65 8.79
CA ALA B 145 -17.96 13.07 9.04
C ALA B 145 -18.44 13.94 7.85
N GLU B 146 -18.11 13.52 6.63
CA GLU B 146 -18.54 14.25 5.43
C GLU B 146 -20.04 14.22 5.28
N THR B 147 -20.64 13.07 5.56
CA THR B 147 -22.07 12.92 5.45
C THR B 147 -22.78 13.85 6.42
N TRP B 148 -22.41 13.80 7.70
CA TRP B 148 -23.03 14.66 8.70
C TRP B 148 -22.86 16.15 8.42
N LEU B 149 -21.62 16.55 8.11
CA LEU B 149 -21.32 17.93 7.80
C LEU B 149 -22.02 18.40 6.53
N GLN B 150 -22.23 17.47 5.60
CA GLN B 150 -22.96 17.78 4.36
C GLN B 150 -24.44 18.07 4.63
N ARG B 151 -25.10 17.19 5.38
CA ARG B 151 -26.49 17.33 5.83
C ARG B 151 -26.78 18.61 6.62
N HIS B 152 -25.76 19.36 7.02
CA HIS B 152 -25.93 20.55 7.86
C HIS B 152 -25.18 21.76 7.32
N PHE B 153 -24.71 21.67 6.09
CA PHE B 153 -23.70 22.59 5.57
C PHE B 153 -24.05 24.08 5.61
N ASP B 154 -25.30 24.40 5.31
CA ASP B 154 -25.72 25.81 5.25
C ASP B 154 -25.74 26.39 6.64
N GLN B 155 -26.21 25.60 7.61
CA GLN B 155 -26.23 26.01 9.02
C GLN B 155 -24.81 26.23 9.51
N VAL B 156 -23.91 25.31 9.17
CA VAL B 156 -22.60 25.23 9.81
C VAL B 156 -21.42 25.74 8.97
N LYS B 157 -21.68 26.22 7.76
CA LYS B 157 -20.59 26.57 6.82
C LYS B 157 -19.57 27.57 7.37
N ALA B 158 -20.06 28.64 7.98
CA ALA B 158 -19.21 29.70 8.49
C ALA B 158 -18.39 29.17 9.63
N ARG B 159 -19.03 28.39 10.51
CA ARG B 159 -18.38 27.78 11.67
C ARG B 159 -17.31 26.75 11.27
N VAL B 160 -17.51 26.10 10.13
CA VAL B 160 -16.52 25.18 9.58
C VAL B 160 -15.30 25.96 9.12
N SER B 161 -15.51 27.02 8.34
CA SER B 161 -14.37 27.88 7.93
C SER B 161 -13.57 28.42 9.11
N ALA B 162 -14.26 28.90 10.16
CA ALA B 162 -13.57 29.43 11.34
C ALA B 162 -12.75 28.37 12.12
N VAL B 163 -13.27 27.15 12.27
CA VAL B 163 -12.52 26.13 13.04
C VAL B 163 -11.30 25.63 12.26
N VAL B 164 -11.39 25.64 10.92
CA VAL B 164 -10.31 25.25 10.03
C VAL B 164 -9.16 26.24 10.06
N VAL B 165 -9.49 27.52 10.07
CA VAL B 165 -8.54 28.58 10.30
C VAL B 165 -7.82 28.42 11.62
N GLU B 166 -8.58 28.09 12.65
CA GLU B 166 -8.05 27.90 13.99
C GLU B 166 -7.27 26.56 14.18
N ALA B 167 -7.82 25.44 13.69
CA ALA B 167 -7.21 24.11 13.89
C ALA B 167 -5.98 23.85 13.01
N LEU B 168 -6.02 24.29 11.76
CA LEU B 168 -4.98 23.95 10.80
C LEU B 168 -3.55 24.33 11.19
N PRO B 169 -3.35 25.52 11.79
CA PRO B 169 -2.00 25.87 12.23
C PRO B 169 -1.45 25.00 13.37
N LEU B 170 -2.33 24.52 14.23
CA LEU B 170 -1.94 23.60 15.31
C LEU B 170 -1.36 22.29 14.76
N THR B 171 -1.94 21.80 13.68
CA THR B 171 -1.42 20.59 13.02
C THR B 171 -0.12 20.90 12.28
N LEU B 172 -0.01 22.11 11.71
CA LEU B 172 1.22 22.52 11.07
C LEU B 172 2.37 22.55 12.08
N ALA B 173 2.11 23.06 13.28
CA ALA B 173 3.14 23.11 14.33
C ALA B 173 3.61 21.68 14.71
N MET B 174 2.68 20.74 14.76
CA MET B 174 3.04 19.35 15.03
C MET B 174 3.94 18.81 13.94
N LEU B 175 3.53 18.99 12.68
CA LEU B 175 4.35 18.56 11.56
C LEU B 175 5.77 19.15 11.58
N GLN B 176 5.88 20.41 12.02
CA GLN B 176 7.17 21.06 12.14
C GLN B 176 8.04 20.37 13.18
N SER B 177 7.49 20.13 14.36
CA SER B 177 8.17 19.40 15.43
C SER B 177 8.62 18.02 15.03
N LEU B 178 7.85 17.37 14.16
CA LEU B 178 8.11 15.99 13.79
C LEU B 178 8.92 15.80 12.51
N ALA B 179 9.16 16.88 11.77
CA ALA B 179 9.69 16.78 10.43
C ALA B 179 11.02 16.03 10.38
N ALA B 180 11.92 16.32 11.31
CA ALA B 180 13.21 15.64 11.35
C ALA B 180 13.06 14.12 11.54
N ASP B 181 12.24 13.73 12.50
CA ASP B 181 12.04 12.31 12.81
C ASP B 181 11.35 11.59 11.62
N MET B 182 10.41 12.27 10.97
CA MET B 182 9.84 11.73 9.75
C MET B 182 10.90 11.43 8.69
N ARG B 183 11.79 12.38 8.45
CA ARG B 183 12.85 12.16 7.47
C ARG B 183 13.71 10.97 7.92
N GLN B 184 13.99 10.84 9.21
CA GLN B 184 14.79 9.70 9.70
C GLN B 184 14.15 8.35 9.36
N ILE B 185 12.82 8.27 9.34
CA ILE B 185 12.19 7.00 8.98
C ILE B 185 11.81 6.91 7.51
N GLY B 186 12.21 7.88 6.68
CA GLY B 186 12.00 7.78 5.23
C GLY B 186 10.74 8.42 4.72
N MET B 187 10.08 9.19 5.59
CA MET B 187 8.89 9.95 5.23
C MET B 187 9.31 11.40 4.88
N ASP B 188 8.87 11.88 3.72
CA ASP B 188 9.11 13.28 3.33
C ASP B 188 7.97 14.16 3.85
N PRO B 189 8.24 15.01 4.85
CA PRO B 189 7.22 15.83 5.50
C PRO B 189 6.54 16.83 4.58
N VAL B 190 7.28 17.30 3.59
CA VAL B 190 6.79 18.24 2.60
C VAL B 190 5.78 17.52 1.71
N GLU B 191 6.14 16.35 1.20
CA GLU B 191 5.18 15.54 0.42
C GLU B 191 3.97 15.09 1.27
N THR B 192 4.19 14.84 2.57
CA THR B 192 3.10 14.48 3.45
C THR B 192 2.11 15.64 3.57
N LEU B 193 2.62 16.84 3.79
CA LEU B 193 1.76 18.02 3.84
C LEU B 193 0.99 18.26 2.52
N ALA B 194 1.65 18.07 1.40
CA ALA B 194 1.00 18.24 0.12
C ALA B 194 -0.10 17.20 -0.13
N SER B 195 0.14 15.95 0.27
CA SER B 195 -0.91 14.93 0.27
C SER B 195 -2.11 15.29 1.16
N PHE B 196 -1.82 15.74 2.38
CA PHE B 196 -2.85 16.18 3.29
C PHE B 196 -3.72 17.27 2.62
N SER B 197 -3.06 18.26 2.01
CA SER B 197 -3.77 19.41 1.37
C SER B 197 -4.75 18.93 0.35
N GLU B 198 -4.27 18.02 -0.48
CA GLU B 198 -5.05 17.46 -1.54
C GLU B 198 -6.24 16.64 -1.00
N LEU B 199 -6.01 15.83 0.02
CA LEU B 199 -7.09 15.10 0.68
C LEU B 199 -8.07 16.03 1.37
N PHE B 200 -7.55 17.02 2.07
CA PHE B 200 -8.40 17.89 2.84
C PHE B 200 -9.29 18.77 1.92
N ARG B 201 -8.72 19.27 0.83
CA ARG B 201 -9.52 19.97 -0.18
C ARG B 201 -10.72 19.12 -0.62
N GLU B 202 -10.44 17.90 -1.05
CA GLU B 202 -11.50 16.98 -1.43
C GLU B 202 -12.53 16.76 -0.30
N ALA B 203 -12.06 16.67 0.95
CA ALA B 203 -13.03 16.56 2.06
C ALA B 203 -13.96 17.79 2.13
N LEU B 204 -13.40 18.97 2.02
CA LEU B 204 -14.14 20.24 2.10
C LEU B 204 -15.13 20.40 0.94
N GLU B 205 -14.73 19.93 -0.24
CA GLU B 205 -15.60 19.87 -1.44
C GLU B 205 -16.77 18.92 -1.14
N SER B 206 -16.46 17.76 -0.56
CA SER B 206 -17.46 16.72 -0.31
C SER B 206 -18.59 17.19 0.59
N VAL B 207 -18.22 18.08 1.51
CA VAL B 207 -19.09 18.59 2.52
C VAL B 207 -19.99 19.71 1.94
N GLY B 208 -19.53 20.41 0.90
CA GLY B 208 -20.32 21.53 0.35
C GLY B 208 -19.54 22.68 -0.26
N PHE B 209 -18.28 22.87 0.11
CA PHE B 209 -17.51 24.01 -0.40
C PHE B 209 -17.23 23.88 -1.90
N GLU B 210 -17.17 25.02 -2.58
CA GLU B 210 -16.93 25.01 -4.02
C GLU B 210 -15.45 24.78 -4.23
N ALA B 211 -15.11 24.22 -5.40
CA ALA B 211 -13.71 24.00 -5.74
C ALA B 211 -12.86 25.21 -5.33
N VAL B 212 -13.34 26.41 -5.68
CA VAL B 212 -12.61 27.68 -5.40
C VAL B 212 -12.54 28.06 -3.91
N GLU B 213 -13.65 27.85 -3.19
CA GLU B 213 -13.72 28.13 -1.76
C GLU B 213 -12.69 27.33 -0.95
N ALA B 214 -12.70 26.02 -1.19
CA ALA B 214 -11.79 25.11 -0.50
C ALA B 214 -10.34 25.54 -0.68
N ARG B 215 -9.94 25.86 -1.91
CA ARG B 215 -8.56 26.28 -2.21
C ARG B 215 -8.13 27.58 -1.53
N ARG B 216 -8.99 28.61 -1.57
CA ARG B 216 -8.66 29.86 -0.90
C ARG B 216 -8.45 29.58 0.58
N LEU B 217 -9.38 28.80 1.14
CA LEU B 217 -9.38 28.49 2.55
C LEU B 217 -8.12 27.77 2.99
N LEU B 218 -7.60 26.88 2.14
CA LEU B 218 -6.35 26.22 2.45
C LEU B 218 -5.20 27.23 2.51
N MET B 219 -4.97 27.93 1.41
CA MET B 219 -4.00 29.05 1.33
C MET B 219 -3.84 29.88 2.61
N ARG B 220 -4.97 30.30 3.17
CA ARG B 220 -5.01 31.17 4.33
C ARG B 220 -3.97 30.82 5.39
N ALA B 221 -3.69 29.52 5.59
CA ALA B 221 -2.61 29.13 6.48
C ALA B 221 -1.40 28.65 5.68
FE FE C . 5.25 -12.74 -5.32
FE FE D . 2.74 -10.54 -5.14
C1 PPI E . 3.70 -12.22 -7.84
C2 PPI E . 3.29 -12.16 -9.30
C3 PPI E . 2.22 -11.15 -9.65
O1 PPI E . 3.23 -11.43 -7.01
O2 PPI E . 4.52 -13.06 -7.48
FE FE F . -7.48 5.35 13.18
FE FE G . -9.79 7.58 12.18
C1 PPI H . -7.27 8.43 13.31
C2 PPI H . -6.25 9.48 13.70
C3 PPI H . -4.82 8.97 13.83
O1 PPI H . -8.41 8.80 12.95
O2 PPI H . -7.00 7.21 13.40
#